data_7RVH
# 
_entry.id   7RVH 
# 
_audit_conform.dict_name       mmcif_pdbx.dic 
_audit_conform.dict_version    5.392 
_audit_conform.dict_location   http://mmcif.pdb.org/dictionaries/ascii/mmcif_pdbx.dic 
# 
loop_
_database_2.database_id 
_database_2.database_code 
_database_2.pdbx_database_accession 
_database_2.pdbx_DOI 
PDB   7RVH         pdb_00007rvh 10.2210/pdb7rvh/pdb 
WWPDB D_1000259064 ?            ?                   
# 
loop_
_pdbx_audit_revision_history.ordinal 
_pdbx_audit_revision_history.data_content_type 
_pdbx_audit_revision_history.major_revision 
_pdbx_audit_revision_history.minor_revision 
_pdbx_audit_revision_history.revision_date 
1 'Structure model' 1 0 2022-08-24 
2 'Structure model' 1 1 2024-05-22 
# 
_pdbx_audit_revision_details.ordinal             1 
_pdbx_audit_revision_details.revision_ordinal    1 
_pdbx_audit_revision_details.data_content_type   'Structure model' 
_pdbx_audit_revision_details.provider            repository 
_pdbx_audit_revision_details.type                'Initial release' 
_pdbx_audit_revision_details.description         ? 
_pdbx_audit_revision_details.details             ? 
# 
_pdbx_audit_revision_group.ordinal             1 
_pdbx_audit_revision_group.revision_ordinal    2 
_pdbx_audit_revision_group.data_content_type   'Structure model' 
_pdbx_audit_revision_group.group               'Data collection' 
# 
loop_
_pdbx_audit_revision_category.ordinal 
_pdbx_audit_revision_category.revision_ordinal 
_pdbx_audit_revision_category.data_content_type 
_pdbx_audit_revision_category.category 
1 2 'Structure model' chem_comp_atom 
2 2 'Structure model' chem_comp_bond 
# 
_pdbx_database_status.status_code                     REL 
_pdbx_database_status.status_code_sf                  REL 
_pdbx_database_status.status_code_mr                  ? 
_pdbx_database_status.entry_id                        7RVH 
_pdbx_database_status.recvd_initial_deposition_date   2021-08-18 
_pdbx_database_status.SG_entry                        N 
_pdbx_database_status.deposit_site                    RCSB 
_pdbx_database_status.process_site                    RCSB 
_pdbx_database_status.status_code_cs                  ? 
_pdbx_database_status.status_code_nmr_data            ? 
_pdbx_database_status.methods_development_category    ? 
_pdbx_database_status.pdb_format_compatible           Y 
# 
loop_
_audit_author.name 
_audit_author.pdbx_ordinal 
_audit_author.identifier_ORCID 
'Glynn, C.'       1 ? 
'Rodriguez, J.A.' 2 ? 
'Hernandez, E.'   3 ? 
# 
_citation.abstract                  ? 
_citation.abstract_id_CAS           ? 
_citation.book_id_ISBN              ? 
_citation.book_publisher            ? 
_citation.book_publisher_city       ? 
_citation.book_title                ? 
_citation.coordinate_linkage        ? 
_citation.country                   ? 
_citation.database_id_Medline       ? 
_citation.details                   ? 
_citation.id                        primary 
_citation.journal_abbrev            'To be published' 
_citation.journal_id_ASTM           ? 
_citation.journal_id_CSD            0353 
_citation.journal_id_ISSN           ? 
_citation.journal_full              ? 
_citation.journal_issue             ? 
_citation.journal_volume            ? 
_citation.language                  ? 
_citation.page_first                ? 
_citation.page_last                 ? 
_citation.title                     
'Structural and Biophysical Consequences of Sequence Variation in the B2a2 Loop of Mammalian Prions' 
_citation.year                      ? 
_citation.database_id_CSD           ? 
_citation.pdbx_database_id_DOI      ? 
_citation.pdbx_database_id_PubMed   ? 
_citation.pdbx_database_id_patent   ? 
_citation.unpublished_flag          ? 
# 
loop_
_citation_author.citation_id 
_citation_author.name 
_citation_author.ordinal 
_citation_author.identifier_ORCID 
primary 'Glynn, C.'           1 ? 
primary 'Hernandez, E.'       2 ? 
primary 'Gallagher-Jones, M.' 3 ? 
primary 'Miao, J.'            4 ? 
primary 'Rodriguez, J.A.'     5 ? 
# 
loop_
_entity.id 
_entity.type 
_entity.src_method 
_entity.pdbx_description 
_entity.formula_weight 
_entity.pdbx_number_of_molecules 
_entity.pdbx_ec 
_entity.pdbx_mutation 
_entity.pdbx_fragment 
_entity.details 
1 polymer syn 'Major prion protein' 1141.147 1 ? Q172E 'UNP residues 168-176' ? 
2 water   nat water                 18.015   2 ? ?     ?                      ? 
# 
_entity_poly.entity_id                      1 
_entity_poly.type                           'polypeptide(L)' 
_entity_poly.nstd_linkage                   no 
_entity_poly.nstd_monomer                   no 
_entity_poly.pdbx_seq_one_letter_code       QYNNENNFV 
_entity_poly.pdbx_seq_one_letter_code_can   QYNNENNFV 
_entity_poly.pdbx_strand_id                 A 
_entity_poly.pdbx_target_identifier         ? 
# 
_pdbx_entity_nonpoly.entity_id   2 
_pdbx_entity_nonpoly.name        water 
_pdbx_entity_nonpoly.comp_id     HOH 
# 
loop_
_entity_poly_seq.entity_id 
_entity_poly_seq.num 
_entity_poly_seq.mon_id 
_entity_poly_seq.hetero 
1 1 GLN n 
1 2 TYR n 
1 3 ASN n 
1 4 ASN n 
1 5 GLU n 
1 6 ASN n 
1 7 ASN n 
1 8 PHE n 
1 9 VAL n 
# 
_pdbx_entity_src_syn.entity_id              1 
_pdbx_entity_src_syn.pdbx_src_id            1 
_pdbx_entity_src_syn.pdbx_alt_source_flag   sample 
_pdbx_entity_src_syn.pdbx_beg_seq_num       1 
_pdbx_entity_src_syn.pdbx_end_seq_num       9 
_pdbx_entity_src_syn.organism_scientific    'Myodes glareolus' 
_pdbx_entity_src_syn.organism_common_name   'Bank vole, Clethrionomys glareolus' 
_pdbx_entity_src_syn.ncbi_taxonomy_id       447135 
_pdbx_entity_src_syn.details                ? 
# 
loop_
_chem_comp.id 
_chem_comp.type 
_chem_comp.mon_nstd_flag 
_chem_comp.name 
_chem_comp.pdbx_synonyms 
_chem_comp.formula 
_chem_comp.formula_weight 
ASN 'L-peptide linking' y ASPARAGINE      ? 'C4 H8 N2 O3'  132.118 
GLN 'L-peptide linking' y GLUTAMINE       ? 'C5 H10 N2 O3' 146.144 
GLU 'L-peptide linking' y 'GLUTAMIC ACID' ? 'C5 H9 N O4'   147.129 
HOH non-polymer         . WATER           ? 'H2 O'         18.015  
PHE 'L-peptide linking' y PHENYLALANINE   ? 'C9 H11 N O2'  165.189 
TYR 'L-peptide linking' y TYROSINE        ? 'C9 H11 N O3'  181.189 
VAL 'L-peptide linking' y VALINE          ? 'C5 H11 N O2'  117.146 
# 
loop_
_pdbx_poly_seq_scheme.asym_id 
_pdbx_poly_seq_scheme.entity_id 
_pdbx_poly_seq_scheme.seq_id 
_pdbx_poly_seq_scheme.mon_id 
_pdbx_poly_seq_scheme.ndb_seq_num 
_pdbx_poly_seq_scheme.pdb_seq_num 
_pdbx_poly_seq_scheme.auth_seq_num 
_pdbx_poly_seq_scheme.pdb_mon_id 
_pdbx_poly_seq_scheme.auth_mon_id 
_pdbx_poly_seq_scheme.pdb_strand_id 
_pdbx_poly_seq_scheme.pdb_ins_code 
_pdbx_poly_seq_scheme.hetero 
A 1 1 GLN 1 168 168 GLN GLN A . n 
A 1 2 TYR 2 169 169 TYR TYR A . n 
A 1 3 ASN 3 170 170 ASN ASN A . n 
A 1 4 ASN 4 171 171 ASN ASN A . n 
A 1 5 GLU 5 172 172 GLU GLU A . n 
A 1 6 ASN 6 173 173 ASN ASN A . n 
A 1 7 ASN 7 174 174 ASN ASN A . n 
A 1 8 PHE 8 175 175 PHE PHE A . n 
A 1 9 VAL 9 176 176 VAL VAL A . n 
# 
loop_
_pdbx_nonpoly_scheme.asym_id 
_pdbx_nonpoly_scheme.entity_id 
_pdbx_nonpoly_scheme.mon_id 
_pdbx_nonpoly_scheme.ndb_seq_num 
_pdbx_nonpoly_scheme.pdb_seq_num 
_pdbx_nonpoly_scheme.auth_seq_num 
_pdbx_nonpoly_scheme.pdb_mon_id 
_pdbx_nonpoly_scheme.auth_mon_id 
_pdbx_nonpoly_scheme.pdb_strand_id 
_pdbx_nonpoly_scheme.pdb_ins_code 
B 2 HOH 1 201 2 HOH HOH A . 
B 2 HOH 2 202 1 HOH HOH A . 
# 
loop_
_software.citation_id 
_software.classification 
_software.compiler_name 
_software.compiler_version 
_software.contact_author 
_software.contact_author_email 
_software.date 
_software.description 
_software.dependencies 
_software.hardware 
_software.language 
_software.location 
_software.mods 
_software.name 
_software.os 
_software.os_version 
_software.type 
_software.version 
_software.pdbx_ordinal 
? 'data scaling'    ? ? ? ? ? ? ? ? ? ? ? XSCALE      ? ? ? .        1 
? refinement        ? ? ? ? ? ? ? ? ? ? ? REFMAC      ? ? ? 5.8.0267 2 
? 'data extraction' ? ? ? ? ? ? ? ? ? ? ? PDB_EXTRACT ? ? ? 3.27     3 
? 'data reduction'  ? ? ? ? ? ? ? ? ? ? ? XDS         ? ? ? .        4 
? phasing           ? ? ? ? ? ? ? ? ? ? ? SHELXD      ? ? ? .        5 
# 
_cell.angle_alpha                  94.850 
_cell.angle_alpha_esd              ? 
_cell.angle_beta                   90.260 
_cell.angle_beta_esd               ? 
_cell.angle_gamma                  99.990 
_cell.angle_gamma_esd              ? 
_cell.entry_id                     7RVH 
_cell.details                      ? 
_cell.formula_units_Z              ? 
_cell.length_a                     4.870 
_cell.length_a_esd                 ? 
_cell.length_b                     10.060 
_cell.length_b_esd                 ? 
_cell.length_c                     30.660 
_cell.length_c_esd                 ? 
_cell.volume                       ? 
_cell.volume_esd                   ? 
_cell.Z_PDB                        1 
_cell.reciprocal_angle_alpha       ? 
_cell.reciprocal_angle_beta        ? 
_cell.reciprocal_angle_gamma       ? 
_cell.reciprocal_angle_alpha_esd   ? 
_cell.reciprocal_angle_beta_esd    ? 
_cell.reciprocal_angle_gamma_esd   ? 
_cell.reciprocal_length_a          ? 
_cell.reciprocal_length_b          ? 
_cell.reciprocal_length_c          ? 
_cell.reciprocal_length_a_esd      ? 
_cell.reciprocal_length_b_esd      ? 
_cell.reciprocal_length_c_esd      ? 
_cell.pdbx_unique_axis             ? 
# 
_symmetry.entry_id                         7RVH 
_symmetry.cell_setting                     ? 
_symmetry.Int_Tables_number                1 
_symmetry.space_group_name_Hall            ? 
_symmetry.space_group_name_H-M             'P 1' 
_symmetry.pdbx_full_space_group_name_H-M   ? 
# 
_exptl.absorpt_coefficient_mu     ? 
_exptl.absorpt_correction_T_max   ? 
_exptl.absorpt_correction_T_min   ? 
_exptl.absorpt_correction_type    ? 
_exptl.absorpt_process_details    ? 
_exptl.entry_id                   7RVH 
_exptl.crystals_number            1 
_exptl.details                    ? 
_exptl.method                     'ELECTRON CRYSTALLOGRAPHY' 
_exptl.method_details             ? 
# 
_exptl_crystal.colour                      ? 
_exptl_crystal.density_diffrn              ? 
_exptl_crystal.density_Matthews            ? 
_exptl_crystal.density_method              ? 
_exptl_crystal.density_percent_sol         ? 
_exptl_crystal.description                 ? 
_exptl_crystal.F_000                       ? 
_exptl_crystal.id                          1 
_exptl_crystal.preparation                 ? 
_exptl_crystal.size_max                    ? 
_exptl_crystal.size_mid                    ? 
_exptl_crystal.size_min                    ? 
_exptl_crystal.size_rad                    ? 
_exptl_crystal.colour_lustre               ? 
_exptl_crystal.colour_modifier             ? 
_exptl_crystal.colour_primary              ? 
_exptl_crystal.density_meas                ? 
_exptl_crystal.density_meas_esd            ? 
_exptl_crystal.density_meas_gt             ? 
_exptl_crystal.density_meas_lt             ? 
_exptl_crystal.density_meas_temp           ? 
_exptl_crystal.density_meas_temp_esd       ? 
_exptl_crystal.density_meas_temp_gt        ? 
_exptl_crystal.density_meas_temp_lt        ? 
_exptl_crystal.pdbx_crystal_image_url      ? 
_exptl_crystal.pdbx_crystal_image_format   ? 
_exptl_crystal.pdbx_mosaicity              ? 
_exptl_crystal.pdbx_mosaicity_esd          ? 
# 
_exptl_crystal_grow.apparatus       ? 
_exptl_crystal_grow.atmosphere      ? 
_exptl_crystal_grow.crystal_id      1 
_exptl_crystal_grow.details         ? 
_exptl_crystal_grow.method          'VAPOR DIFFUSION, HANGING DROP' 
_exptl_crystal_grow.method_ref      ? 
_exptl_crystal_grow.pH              4.5 
_exptl_crystal_grow.pressure        ? 
_exptl_crystal_grow.pressure_esd    ? 
_exptl_crystal_grow.seeding         ? 
_exptl_crystal_grow.seeding_ref     ? 
_exptl_crystal_grow.temp            298 
_exptl_crystal_grow.temp_details    ? 
_exptl_crystal_grow.temp_esd        ? 
_exptl_crystal_grow.time            ? 
_exptl_crystal_grow.pdbx_details    '0.1 M lithium sulfate, 2.5 M sodium chloride, 0.1 M sodium acetate, pH 4.5' 
_exptl_crystal_grow.pdbx_pH_range   ? 
# 
_diffrn.ambient_environment              ? 
_diffrn.ambient_temp                     100 
_diffrn.ambient_temp_details             ? 
_diffrn.ambient_temp_esd                 ? 
_diffrn.crystal_id                       1 
_diffrn.crystal_support                  ? 
_diffrn.crystal_treatment                ? 
_diffrn.details                          ? 
_diffrn.id                               1 
_diffrn.ambient_pressure                 ? 
_diffrn.ambient_pressure_esd             ? 
_diffrn.ambient_pressure_gt              ? 
_diffrn.ambient_pressure_lt              ? 
_diffrn.ambient_temp_gt                  ? 
_diffrn.ambient_temp_lt                  ? 
_diffrn.pdbx_serial_crystal_experiment   N 
# 
_diffrn_detector.details                      ? 
_diffrn_detector.detector                     CMOS 
_diffrn_detector.diffrn_id                    1 
_diffrn_detector.type                         'TVIPS TEMCAM-F416' 
_diffrn_detector.area_resol_mean              ? 
_diffrn_detector.dtime                        ? 
_diffrn_detector.pdbx_frames_total            ? 
_diffrn_detector.pdbx_collection_time_total   ? 
_diffrn_detector.pdbx_collection_date         2018-02-15 
_diffrn_detector.pdbx_frequency               ? 
# 
_diffrn_radiation.collimation                      ? 
_diffrn_radiation.diffrn_id                        1 
_diffrn_radiation.filter_edge                      ? 
_diffrn_radiation.inhomogeneity                    ? 
_diffrn_radiation.monochromator                    ? 
_diffrn_radiation.polarisn_norm                    ? 
_diffrn_radiation.polarisn_ratio                   ? 
_diffrn_radiation.probe                            ? 
_diffrn_radiation.type                             ? 
_diffrn_radiation.xray_symbol                      ? 
_diffrn_radiation.wavelength_id                    1 
_diffrn_radiation.pdbx_monochromatic_or_laue_m_l   M 
_diffrn_radiation.pdbx_wavelength_list             ? 
_diffrn_radiation.pdbx_wavelength                  ? 
_diffrn_radiation.pdbx_diffrn_protocol             'SINGLE WAVELENGTH' 
_diffrn_radiation.pdbx_analyzer                    ? 
_diffrn_radiation.pdbx_scattering_type             electron 
# 
_diffrn_radiation_wavelength.id           1 
_diffrn_radiation_wavelength.wavelength   0.0251 
_diffrn_radiation_wavelength.wt           1.0 
# 
_diffrn_source.current                     ? 
_diffrn_source.details                     ? 
_diffrn_source.diffrn_id                   1 
_diffrn_source.power                       ? 
_diffrn_source.size                        ? 
_diffrn_source.source                      'ELECTRON MICROSCOPE' 
_diffrn_source.target                      ? 
_diffrn_source.type                        OTHER 
_diffrn_source.voltage                     ? 
_diffrn_source.take-off_angle              ? 
_diffrn_source.pdbx_wavelength_list        0.0251 
_diffrn_source.pdbx_wavelength             ? 
_diffrn_source.pdbx_synchrotron_beamline   ? 
_diffrn_source.pdbx_synchrotron_site       ? 
# 
_reflns.B_iso_Wilson_estimate                          6.859 
_reflns.entry_id                                       7RVH 
_reflns.data_reduction_details                         ? 
_reflns.data_reduction_method                          ? 
_reflns.d_resolution_high                              0.900 
_reflns.d_resolution_low                               7.980 
_reflns.details                                        ? 
_reflns.limit_h_max                                    ? 
_reflns.limit_h_min                                    ? 
_reflns.limit_k_max                                    ? 
_reflns.limit_k_min                                    ? 
_reflns.limit_l_max                                    ? 
_reflns.limit_l_min                                    ? 
_reflns.number_all                                     ? 
_reflns.number_obs                                     3437 
_reflns.observed_criterion                             ? 
_reflns.observed_criterion_F_max                       ? 
_reflns.observed_criterion_F_min                       ? 
_reflns.observed_criterion_I_max                       ? 
_reflns.observed_criterion_I_min                       ? 
_reflns.observed_criterion_sigma_F                     ? 
_reflns.observed_criterion_sigma_I                     ? 
_reflns.percent_possible_obs                           81.000 
_reflns.R_free_details                                 ? 
_reflns.Rmerge_F_all                                   ? 
_reflns.Rmerge_F_obs                                   ? 
_reflns.Friedel_coverage                               ? 
_reflns.number_gt                                      ? 
_reflns.threshold_expression                           ? 
_reflns.pdbx_redundancy                                5.383 
_reflns.pdbx_Rmerge_I_obs                              0.197 
_reflns.pdbx_Rmerge_I_all                              ? 
_reflns.pdbx_Rsym_value                                ? 
_reflns.pdbx_netI_over_av_sigmaI                       ? 
_reflns.pdbx_netI_over_sigmaI                          5.210 
_reflns.pdbx_res_netI_over_av_sigmaI_2                 ? 
_reflns.pdbx_res_netI_over_sigmaI_2                    ? 
_reflns.pdbx_chi_squared                               0.824 
_reflns.pdbx_scaling_rejects                           10 
_reflns.pdbx_d_res_high_opt                            ? 
_reflns.pdbx_d_res_low_opt                             ? 
_reflns.pdbx_d_res_opt_method                          ? 
_reflns.phase_calculation_details                      ? 
_reflns.pdbx_Rrim_I_all                                0.214 
_reflns.pdbx_Rpim_I_all                                ? 
_reflns.pdbx_d_opt                                     ? 
_reflns.pdbx_number_measured_all                       18502 
_reflns.pdbx_diffrn_id                                 1 
_reflns.pdbx_ordinal                                   1 
_reflns.pdbx_CC_half                                   0.988 
_reflns.pdbx_CC_star                                   ? 
_reflns.pdbx_R_split                                   ? 
_reflns.pdbx_aniso_diffraction_limit_axis_1_ortho[1]   ? 
_reflns.pdbx_aniso_diffraction_limit_axis_1_ortho[2]   ? 
_reflns.pdbx_aniso_diffraction_limit_axis_1_ortho[3]   ? 
_reflns.pdbx_aniso_diffraction_limit_axis_2_ortho[1]   ? 
_reflns.pdbx_aniso_diffraction_limit_axis_2_ortho[2]   ? 
_reflns.pdbx_aniso_diffraction_limit_axis_2_ortho[3]   ? 
_reflns.pdbx_aniso_diffraction_limit_axis_3_ortho[1]   ? 
_reflns.pdbx_aniso_diffraction_limit_axis_3_ortho[2]   ? 
_reflns.pdbx_aniso_diffraction_limit_axis_3_ortho[3]   ? 
_reflns.pdbx_aniso_diffraction_limit_1                 ? 
_reflns.pdbx_aniso_diffraction_limit_2                 ? 
_reflns.pdbx_aniso_diffraction_limit_3                 ? 
_reflns.pdbx_aniso_B_tensor_eigenvector_1_ortho[1]     ? 
_reflns.pdbx_aniso_B_tensor_eigenvector_1_ortho[2]     ? 
_reflns.pdbx_aniso_B_tensor_eigenvector_1_ortho[3]     ? 
_reflns.pdbx_aniso_B_tensor_eigenvector_2_ortho[1]     ? 
_reflns.pdbx_aniso_B_tensor_eigenvector_2_ortho[2]     ? 
_reflns.pdbx_aniso_B_tensor_eigenvector_2_ortho[3]     ? 
_reflns.pdbx_aniso_B_tensor_eigenvector_3_ortho[1]     ? 
_reflns.pdbx_aniso_B_tensor_eigenvector_3_ortho[2]     ? 
_reflns.pdbx_aniso_B_tensor_eigenvector_3_ortho[3]     ? 
_reflns.pdbx_aniso_B_tensor_eigenvalue_1               ? 
_reflns.pdbx_aniso_B_tensor_eigenvalue_2               ? 
_reflns.pdbx_aniso_B_tensor_eigenvalue_3               ? 
_reflns.pdbx_orthogonalization_convention              ? 
_reflns.pdbx_percent_possible_ellipsoidal              ? 
_reflns.pdbx_percent_possible_spherical                ? 
_reflns.pdbx_percent_possible_ellipsoidal_anomalous    ? 
_reflns.pdbx_percent_possible_spherical_anomalous      ? 
_reflns.pdbx_redundancy_anomalous                      ? 
_reflns.pdbx_CC_half_anomalous                         ? 
_reflns.pdbx_absDiff_over_sigma_anomalous              ? 
_reflns.pdbx_percent_possible_anomalous                ? 
_reflns.pdbx_observed_signal_threshold                 ? 
_reflns.pdbx_signal_type                               ? 
_reflns.pdbx_signal_details                            ? 
_reflns.pdbx_signal_software_id                        ? 
# 
loop_
_reflns_shell.d_res_high 
_reflns_shell.d_res_low 
_reflns_shell.meanI_over_sigI_all 
_reflns_shell.meanI_over_sigI_obs 
_reflns_shell.number_measured_all 
_reflns_shell.number_measured_obs 
_reflns_shell.number_possible 
_reflns_shell.number_unique_all 
_reflns_shell.number_unique_obs 
_reflns_shell.percent_possible_all 
_reflns_shell.percent_possible_obs 
_reflns_shell.Rmerge_F_all 
_reflns_shell.Rmerge_F_obs 
_reflns_shell.Rmerge_I_all 
_reflns_shell.Rmerge_I_obs 
_reflns_shell.meanI_over_sigI_gt 
_reflns_shell.meanI_over_uI_all 
_reflns_shell.meanI_over_uI_gt 
_reflns_shell.number_measured_gt 
_reflns_shell.number_unique_gt 
_reflns_shell.percent_possible_gt 
_reflns_shell.Rmerge_F_gt 
_reflns_shell.Rmerge_I_gt 
_reflns_shell.pdbx_redundancy 
_reflns_shell.pdbx_Rsym_value 
_reflns_shell.pdbx_chi_squared 
_reflns_shell.pdbx_netI_over_sigmaI_all 
_reflns_shell.pdbx_netI_over_sigmaI_obs 
_reflns_shell.pdbx_Rrim_I_all 
_reflns_shell.pdbx_Rpim_I_all 
_reflns_shell.pdbx_rejects 
_reflns_shell.pdbx_ordinal 
_reflns_shell.pdbx_diffrn_id 
_reflns_shell.pdbx_CC_half 
_reflns_shell.pdbx_CC_star 
_reflns_shell.pdbx_R_split 
_reflns_shell.pdbx_percent_possible_ellipsoidal 
_reflns_shell.pdbx_percent_possible_spherical 
_reflns_shell.pdbx_percent_possible_ellipsoidal_anomalous 
_reflns_shell.pdbx_percent_possible_spherical_anomalous 
_reflns_shell.pdbx_redundancy_anomalous 
_reflns_shell.pdbx_CC_half_anomalous 
_reflns_shell.pdbx_absDiff_over_sigma_anomalous 
_reflns_shell.pdbx_percent_possible_anomalous 
0.900 0.930 ? 2.560 ? 1603 401 ? 330 82.300 ? ? ? ? 0.475 ? ? ? ? ? ? ? ? 4.858 ? ? ? ? 0.529 ? ? 1  1 0.783 ? ? ? ? ? ? ? ? ? ? 
0.930 0.970 ? 3.300 ? 2017 487 ? 398 81.700 ? ? ? ? 0.392 ? ? ? ? ? ? ? ? 5.068 ? ? ? ? 0.435 ? ? 2  1 0.812 ? ? ? ? ? ? ? ? ? ? 
0.970 1.010 ? 3.270 ? 1531 371 ? 303 81.700 ? ? ? ? 0.389 ? ? ? ? ? ? ? ? 5.053 ? ? ? ? 0.432 ? ? 3  1 0.894 ? ? ? ? ? ? ? ? ? ? 
1.010 1.070 ? 4.140 ? 1837 454 ? 360 79.300 ? ? ? ? 0.309 ? ? ? ? ? ? ? ? 5.103 ? ? ? ? 0.342 ? ? 4  1 0.939 ? ? ? ? ? ? ? ? ? ? 
1.070 1.130 ? 4.970 ? 1705 384 ? 320 83.300 ? ? ? ? 0.282 ? ? ? ? ? ? ? ? 5.328 ? ? ? ? 0.309 ? ? 5  1 0.923 ? ? ? ? ? ? ? ? ? ? 
1.130 1.220 ? 5.490 ? 2068 460 ? 376 81.700 ? ? ? ? 0.282 ? ? ? ? ? ? ? ? 5.500 ? ? ? ? 0.310 ? ? 6  1 0.910 ? ? ? ? ? ? ? ? ? ? 
1.220 1.340 ? 5.630 ? 1717 394 ? 317 80.500 ? ? ? ? 0.272 ? ? ? ? ? ? ? ? 5.416 ? ? ? ? 0.299 ? ? 7  1 0.934 ? ? ? ? ? ? ? ? ? ? 
1.340 1.540 ? 6.630 ? 2132 451 ? 364 80.700 ? ? ? ? 0.246 ? ? ? ? ? ? ? ? 5.857 ? ? ? ? 0.267 ? ? 8  1 0.937 ? ? ? ? ? ? ? ? ? ? 
1.540 1.930 ? 7.570 ? 1850 397 ? 319 80.400 ? ? ? ? 0.203 ? ? ? ? ? ? ? ? 5.799 ? ? ? ? 0.220 ? ? 9  1 0.972 ? ? ? ? ? ? ? ? ? ? 
1.930 7.980 ? 8.610 ? 2042 443 ? 350 79.000 ? ? ? ? 0.151 ? ? ? ? ? ? ? ? 5.834 ? ? ? ? 0.163 ? ? 10 1 0.986 ? ? ? ? ? ? ? ? ? ? 
# 
_refine.aniso_B[1][1]                            -0.0000 
_refine.aniso_B[1][2]                            -0.0000 
_refine.aniso_B[1][3]                            -0.0000 
_refine.aniso_B[2][2]                            0.0000 
_refine.aniso_B[2][3]                            0.0000 
_refine.aniso_B[3][3]                            0.0000 
_refine.B_iso_max                                34.910 
_refine.B_iso_mean                               4.5860 
_refine.B_iso_min                                0.840 
_refine.correlation_coeff_Fo_to_Fc               0.9400 
_refine.correlation_coeff_Fo_to_Fc_free          0.9220 
_refine.details                                  
'HYDROGENS HAVE BEEN USED IF PRESENT IN THE INPUT U VALUES      : REFINED INDIVIDUALLY' 
_refine.diff_density_max                         ? 
_refine.diff_density_max_esd                     ? 
_refine.diff_density_min                         ? 
_refine.diff_density_min_esd                     ? 
_refine.diff_density_rms                         ? 
_refine.diff_density_rms_esd                     ? 
_refine.entry_id                                 7RVH 
_refine.pdbx_refine_id                           'ELECTRON CRYSTALLOGRAPHY' 
_refine.ls_abs_structure_details                 ? 
_refine.ls_abs_structure_Flack                   ? 
_refine.ls_abs_structure_Flack_esd               ? 
_refine.ls_abs_structure_Rogers                  ? 
_refine.ls_abs_structure_Rogers_esd              ? 
_refine.ls_d_res_high                            0.9000 
_refine.ls_d_res_low                             7.9800 
_refine.ls_extinction_coef                       ? 
_refine.ls_extinction_coef_esd                   ? 
_refine.ls_extinction_expression                 ? 
_refine.ls_extinction_method                     ? 
_refine.ls_goodness_of_fit_all                   ? 
_refine.ls_goodness_of_fit_all_esd               ? 
_refine.ls_goodness_of_fit_obs                   ? 
_refine.ls_goodness_of_fit_obs_esd               ? 
_refine.ls_hydrogen_treatment                    ? 
_refine.ls_matrix_type                           ? 
_refine.ls_number_constraints                    ? 
_refine.ls_number_parameters                     ? 
_refine.ls_number_reflns_all                     ? 
_refine.ls_number_reflns_obs                     3126 
_refine.ls_number_reflns_R_free                  310 
_refine.ls_number_reflns_R_work                  ? 
_refine.ls_number_restraints                     ? 
_refine.ls_percent_reflns_obs                    81.0000 
_refine.ls_percent_reflns_R_free                 9.0000 
_refine.ls_R_factor_all                          ? 
_refine.ls_R_factor_obs                          0.2220 
_refine.ls_R_factor_R_free                       0.2350 
_refine.ls_R_factor_R_free_error                 ? 
_refine.ls_R_factor_R_free_error_details         ? 
_refine.ls_R_factor_R_work                       0.2207 
_refine.ls_R_Fsqd_factor_obs                     ? 
_refine.ls_R_I_factor_obs                        ? 
_refine.ls_redundancy_reflns_all                 ? 
_refine.ls_redundancy_reflns_obs                 ? 
_refine.ls_restrained_S_all                      ? 
_refine.ls_restrained_S_obs                      ? 
_refine.ls_shift_over_esd_max                    ? 
_refine.ls_shift_over_esd_mean                   ? 
_refine.ls_structure_factor_coef                 ? 
_refine.ls_weighting_details                     ? 
_refine.ls_weighting_scheme                      ? 
_refine.ls_wR_factor_all                         ? 
_refine.ls_wR_factor_obs                         ? 
_refine.ls_wR_factor_R_free                      ? 
_refine.ls_wR_factor_R_work                      ? 
_refine.occupancy_max                            ? 
_refine.occupancy_min                            ? 
_refine.solvent_model_details                    MASK 
_refine.solvent_model_param_bsol                 ? 
_refine.solvent_model_param_ksol                 ? 
_refine.pdbx_R_complete                          ? 
_refine.ls_R_factor_gt                           ? 
_refine.ls_goodness_of_fit_gt                    ? 
_refine.ls_goodness_of_fit_ref                   ? 
_refine.ls_shift_over_su_max                     ? 
_refine.ls_shift_over_su_max_lt                  ? 
_refine.ls_shift_over_su_mean                    ? 
_refine.ls_shift_over_su_mean_lt                 ? 
_refine.pdbx_ls_sigma_I                          ? 
_refine.pdbx_ls_sigma_F                          0.000 
_refine.pdbx_ls_sigma_Fsqd                       ? 
_refine.pdbx_data_cutoff_high_absF               ? 
_refine.pdbx_data_cutoff_high_rms_absF           ? 
_refine.pdbx_data_cutoff_low_absF                ? 
_refine.pdbx_isotropic_thermal_model             ? 
_refine.pdbx_ls_cross_valid_method               THROUGHOUT 
_refine.pdbx_method_to_determine_struct          'AB INITIO PHASING' 
_refine.pdbx_starting_model                      ? 
_refine.pdbx_stereochemistry_target_values       'MAXIMUM LIKELIHOOD' 
_refine.pdbx_R_Free_selection_details            RANDOM 
_refine.pdbx_stereochem_target_val_spec_case     ? 
_refine.pdbx_overall_ESU_R                       0.0380 
_refine.pdbx_overall_ESU_R_Free                  0.0380 
_refine.pdbx_solvent_vdw_probe_radii             1.2000 
_refine.pdbx_solvent_ion_probe_radii             0.8000 
_refine.pdbx_solvent_shrinkage_radii             0.8000 
_refine.pdbx_real_space_R                        ? 
_refine.pdbx_density_correlation                 ? 
_refine.pdbx_pd_number_of_powder_patterns        ? 
_refine.pdbx_pd_number_of_points                 ? 
_refine.pdbx_pd_meas_number_of_points            ? 
_refine.pdbx_pd_proc_ls_prof_R_factor            ? 
_refine.pdbx_pd_proc_ls_prof_wR_factor           ? 
_refine.pdbx_pd_Marquardt_correlation_coeff      ? 
_refine.pdbx_pd_Fsqrd_R_factor                   ? 
_refine.pdbx_pd_ls_matrix_band_width             ? 
_refine.pdbx_overall_phase_error                 ? 
_refine.pdbx_overall_SU_R_free_Cruickshank_DPI   ? 
_refine.pdbx_overall_SU_R_free_Blow_DPI          ? 
_refine.pdbx_overall_SU_R_Blow_DPI               ? 
_refine.pdbx_TLS_residual_ADP_flag               ? 
_refine.pdbx_diffrn_id                           1 
_refine.overall_SU_B                             0.4450 
_refine.overall_SU_ML                            0.0270 
_refine.overall_SU_R_Cruickshank_DPI             ? 
_refine.overall_SU_R_free                        ? 
_refine.overall_FOM_free_R_set                   ? 
_refine.overall_FOM_work_R_set                   ? 
_refine.pdbx_average_fsc_overall                 ? 
_refine.pdbx_average_fsc_work                    ? 
_refine.pdbx_average_fsc_free                    ? 
# 
_refine_hist.pdbx_refine_id                   'ELECTRON CRYSTALLOGRAPHY' 
_refine_hist.cycle_id                         final 
_refine_hist.details                          ? 
_refine_hist.d_res_high                       0.9000 
_refine_hist.d_res_low                        7.9800 
_refine_hist.number_atoms_solvent             2 
_refine_hist.number_atoms_total               83 
_refine_hist.number_reflns_all                ? 
_refine_hist.number_reflns_obs                ? 
_refine_hist.number_reflns_R_free             ? 
_refine_hist.number_reflns_R_work             ? 
_refine_hist.R_factor_all                     ? 
_refine_hist.R_factor_obs                     ? 
_refine_hist.R_factor_R_free                  ? 
_refine_hist.R_factor_R_work                  ? 
_refine_hist.pdbx_number_residues_total       9 
_refine_hist.pdbx_B_iso_mean_ligand           ? 
_refine_hist.pdbx_B_iso_mean_solvent          12.64 
_refine_hist.pdbx_number_atoms_protein        81 
_refine_hist.pdbx_number_atoms_nucleic_acid   0 
_refine_hist.pdbx_number_atoms_ligand         0 
_refine_hist.pdbx_number_atoms_lipid          ? 
_refine_hist.pdbx_number_atoms_carb           ? 
_refine_hist.pdbx_pseudo_atom_details         ? 
# 
loop_
_refine_ls_restr.pdbx_refine_id 
_refine_ls_restr.criterion 
_refine_ls_restr.dev_ideal 
_refine_ls_restr.dev_ideal_target 
_refine_ls_restr.number 
_refine_ls_restr.rejects 
_refine_ls_restr.type 
_refine_ls_restr.weight 
_refine_ls_restr.pdbx_restraint_function 
'ELECTRON CRYSTALLOGRAPHY' ? 0.009  0.011  82  ? r_bond_refined_d       ? ? 
'ELECTRON CRYSTALLOGRAPHY' ? 0.001  0.018  67  ? r_bond_other_d         ? ? 
'ELECTRON CRYSTALLOGRAPHY' ? 1.306  1.670  111 ? r_angle_refined_deg    ? ? 
'ELECTRON CRYSTALLOGRAPHY' ? 0.547  1.625  148 ? r_angle_other_deg      ? ? 
'ELECTRON CRYSTALLOGRAPHY' ? 4.160  5.000  8   ? r_dihedral_angle_1_deg ? ? 
'ELECTRON CRYSTALLOGRAPHY' ? 51.541 27.500 8   ? r_dihedral_angle_2_deg ? ? 
'ELECTRON CRYSTALLOGRAPHY' ? 14.914 15.000 11  ? r_dihedral_angle_3_deg ? ? 
'ELECTRON CRYSTALLOGRAPHY' ? 0.104  0.200  9   ? r_chiral_restr         ? ? 
'ELECTRON CRYSTALLOGRAPHY' ? 0.010  0.020  113 ? r_gen_planes_refined   ? ? 
'ELECTRON CRYSTALLOGRAPHY' ? 0.000  0.020  27  ? r_gen_planes_other     ? ? 
# 
_refine_ls_shell.pdbx_refine_id                   'ELECTRON CRYSTALLOGRAPHY' 
_refine_ls_shell.d_res_high                       0.9000 
_refine_ls_shell.d_res_low                        0.9230 
_refine_ls_shell.number_reflns_all                255 
_refine_ls_shell.number_reflns_obs                ? 
_refine_ls_shell.number_reflns_R_free             23 
_refine_ls_shell.number_reflns_R_work             232 
_refine_ls_shell.percent_reflns_obs               80.7000 
_refine_ls_shell.percent_reflns_R_free            ? 
_refine_ls_shell.R_factor_all                     ? 
_refine_ls_shell.R_factor_obs                     ? 
_refine_ls_shell.R_factor_R_free                  0.2540 
_refine_ls_shell.R_factor_R_free_error            0.0000 
_refine_ls_shell.R_factor_R_work                  0.3020 
_refine_ls_shell.redundancy_reflns_all            ? 
_refine_ls_shell.redundancy_reflns_obs            ? 
_refine_ls_shell.wR_factor_all                    ? 
_refine_ls_shell.wR_factor_obs                    ? 
_refine_ls_shell.wR_factor_R_free                 ? 
_refine_ls_shell.wR_factor_R_work                 ? 
_refine_ls_shell.pdbx_R_complete                  ? 
_refine_ls_shell.pdbx_total_number_of_bins_used   20 
_refine_ls_shell.pdbx_phase_error                 ? 
_refine_ls_shell.pdbx_fsc_work                    ? 
_refine_ls_shell.pdbx_fsc_free                    ? 
# 
_struct.entry_id                     7RVH 
_struct.title                        'Q172E mutant of the bank vole prion protein 168-176 QYNNENNFV' 
_struct.pdbx_model_details           ? 
_struct.pdbx_formula_weight          ? 
_struct.pdbx_formula_weight_method   ? 
_struct.pdbx_model_type_details      ? 
_struct.pdbx_CASP_flag               N 
# 
_struct_keywords.entry_id        7RVH 
_struct_keywords.text            'amyloid, prion, fibril, PROTEIN FIBRIL' 
_struct_keywords.pdbx_keywords   'PROTEIN FIBRIL' 
# 
loop_
_struct_asym.id 
_struct_asym.pdbx_blank_PDB_chainid_flag 
_struct_asym.pdbx_modified 
_struct_asym.entity_id 
_struct_asym.details 
A N N 1 ? 
B N N 2 ? 
# 
_struct_ref.id                         1 
_struct_ref.db_name                    UNP 
_struct_ref.db_code                    Q8VHV5_MYOGA 
_struct_ref.pdbx_db_accession          Q8VHV5 
_struct_ref.pdbx_db_isoform            ? 
_struct_ref.entity_id                  1 
_struct_ref.pdbx_seq_one_letter_code   QYNNQNNFV 
_struct_ref.pdbx_align_begin           168 
# 
_struct_ref_seq.align_id                      1 
_struct_ref_seq.ref_id                        1 
_struct_ref_seq.pdbx_PDB_id_code              7RVH 
_struct_ref_seq.pdbx_strand_id                A 
_struct_ref_seq.seq_align_beg                 1 
_struct_ref_seq.pdbx_seq_align_beg_ins_code   ? 
_struct_ref_seq.seq_align_end                 9 
_struct_ref_seq.pdbx_seq_align_end_ins_code   ? 
_struct_ref_seq.pdbx_db_accession             Q8VHV5 
_struct_ref_seq.db_align_beg                  168 
_struct_ref_seq.pdbx_db_align_beg_ins_code    ? 
_struct_ref_seq.db_align_end                  176 
_struct_ref_seq.pdbx_db_align_end_ins_code    ? 
_struct_ref_seq.pdbx_auth_seq_align_beg       168 
_struct_ref_seq.pdbx_auth_seq_align_end       176 
# 
_struct_ref_seq_dif.align_id                     1 
_struct_ref_seq_dif.pdbx_pdb_id_code             7RVH 
_struct_ref_seq_dif.mon_id                       GLU 
_struct_ref_seq_dif.pdbx_pdb_strand_id           A 
_struct_ref_seq_dif.seq_num                      5 
_struct_ref_seq_dif.pdbx_pdb_ins_code            ? 
_struct_ref_seq_dif.pdbx_seq_db_name             UNP 
_struct_ref_seq_dif.pdbx_seq_db_accession_code   Q8VHV5 
_struct_ref_seq_dif.db_mon_id                    GLN 
_struct_ref_seq_dif.pdbx_seq_db_seq_num          172 
_struct_ref_seq_dif.details                      'engineered mutation' 
_struct_ref_seq_dif.pdbx_auth_seq_num            172 
_struct_ref_seq_dif.pdbx_ordinal                 1 
# 
_pdbx_struct_assembly.id                   1 
_pdbx_struct_assembly.details              author_defined_assembly 
_pdbx_struct_assembly.method_details       ? 
_pdbx_struct_assembly.oligomeric_details   monomeric 
_pdbx_struct_assembly.oligomeric_count     1 
# 
loop_
_pdbx_struct_assembly_prop.biol_id 
_pdbx_struct_assembly_prop.type 
_pdbx_struct_assembly_prop.value 
_pdbx_struct_assembly_prop.details 
1 'ABSA (A^2)' 0    ? 
1 MORE         0    ? 
1 'SSA (A^2)'  1380 ? 
# 
_pdbx_struct_assembly_gen.assembly_id       1 
_pdbx_struct_assembly_gen.oper_expression   1 
_pdbx_struct_assembly_gen.asym_id_list      A,B 
# 
_pdbx_struct_assembly_auth_evidence.id                     1 
_pdbx_struct_assembly_auth_evidence.assembly_id            1 
_pdbx_struct_assembly_auth_evidence.experimental_support   'electron microscopy' 
_pdbx_struct_assembly_auth_evidence.details                ? 
# 
_pdbx_struct_oper_list.id                   1 
_pdbx_struct_oper_list.type                 'identity operation' 
_pdbx_struct_oper_list.name                 1_555 
_pdbx_struct_oper_list.symmetry_operation   x,y,z 
_pdbx_struct_oper_list.matrix[1][1]         1.0000000000 
_pdbx_struct_oper_list.matrix[1][2]         0.0000000000 
_pdbx_struct_oper_list.matrix[1][3]         0.0000000000 
_pdbx_struct_oper_list.vector[1]            0.0000000000 
_pdbx_struct_oper_list.matrix[2][1]         0.0000000000 
_pdbx_struct_oper_list.matrix[2][2]         1.0000000000 
_pdbx_struct_oper_list.matrix[2][3]         0.0000000000 
_pdbx_struct_oper_list.vector[2]            0.0000000000 
_pdbx_struct_oper_list.matrix[3][1]         0.0000000000 
_pdbx_struct_oper_list.matrix[3][2]         0.0000000000 
_pdbx_struct_oper_list.matrix[3][3]         1.0000000000 
_pdbx_struct_oper_list.vector[3]            0.0000000000 
# 
_em_3d_reconstruction.entry_id                    7RVH 
_em_3d_reconstruction.id                          1 
_em_3d_reconstruction.algorithm                   ? 
_em_3d_reconstruction.details                     ? 
_em_3d_reconstruction.refinement_type             ? 
_em_3d_reconstruction.image_processing_id         1 
_em_3d_reconstruction.num_class_averages          ? 
_em_3d_reconstruction.num_particles               ? 
_em_3d_reconstruction.resolution                  0.900 
_em_3d_reconstruction.resolution_method           'DIFFRACTION PATTERN/LAYERLINES' 
_em_3d_reconstruction.symmetry_type               '3D CRYSTAL' 
_em_3d_reconstruction.method                      ? 
_em_3d_reconstruction.nominal_pixel_size          ? 
_em_3d_reconstruction.actual_pixel_size           ? 
_em_3d_reconstruction.magnification_calibration   ? 
# 
_em_entity_assembly.details              ? 
_em_entity_assembly.entity_id_list       1 
_em_entity_assembly.id                   1 
_em_entity_assembly.name                 'Major prion protein' 
_em_entity_assembly.oligomeric_details   ? 
_em_entity_assembly.parent_id            0 
_em_entity_assembly.source               NATURAL 
_em_entity_assembly.synonym              ? 
_em_entity_assembly.type                 COMPLEX 
# 
_em_imaging.id                              1 
_em_imaging.entry_id                        7RVH 
_em_imaging.accelerating_voltage            300 
_em_imaging.alignment_procedure             . 
_em_imaging.c2_aperture_diameter            . 
_em_imaging.calibrated_defocus_max          ? 
_em_imaging.calibrated_defocus_min          ? 
_em_imaging.calibrated_magnification        ? 
_em_imaging.cryogen                         NITROGEN 
_em_imaging.details                         ? 
_em_imaging.electron_source                 'FIELD EMISSION GUN' 
_em_imaging.illumination_mode               'FLOOD BEAM' 
_em_imaging.microscope_model                'FEI TECNAI F30' 
_em_imaging.mode                            DIFFRACTION 
_em_imaging.nominal_cs                      ? 
_em_imaging.nominal_defocus_max             ? 
_em_imaging.nominal_defocus_min             ? 
_em_imaging.nominal_magnification           ? 
_em_imaging.recording_temperature_maximum   ? 
_em_imaging.recording_temperature_minimum   ? 
_em_imaging.residual_tilt                   ? 
_em_imaging.specimen_holder_model           . 
_em_imaging.specimen_id                     1 
_em_imaging.citation_id                     ? 
_em_imaging.date                            ? 
_em_imaging.temperature                     ? 
_em_imaging.tilt_angle_min                  ? 
_em_imaging.tilt_angle_max                  ? 
_em_imaging.astigmatism                     ? 
_em_imaging.detector_distance               ? 
_em_imaging.electron_beam_tilt_params       ? 
_em_imaging.specimen_holder_type            ? 
# 
_em_experiment.entry_id                7RVH 
_em_experiment.id                      1 
_em_experiment.aggregation_state       '3D ARRAY' 
_em_experiment.reconstruction_method   CRYSTALLOGRAPHY 
_em_experiment.entity_assembly_id      1 
# 
loop_
_chem_comp_atom.comp_id 
_chem_comp_atom.atom_id 
_chem_comp_atom.type_symbol 
_chem_comp_atom.pdbx_aromatic_flag 
_chem_comp_atom.pdbx_stereo_config 
_chem_comp_atom.pdbx_ordinal 
ASN N    N N N 1   
ASN CA   C N S 2   
ASN C    C N N 3   
ASN O    O N N 4   
ASN CB   C N N 5   
ASN CG   C N N 6   
ASN OD1  O N N 7   
ASN ND2  N N N 8   
ASN OXT  O N N 9   
ASN H    H N N 10  
ASN H2   H N N 11  
ASN HA   H N N 12  
ASN HB2  H N N 13  
ASN HB3  H N N 14  
ASN HD21 H N N 15  
ASN HD22 H N N 16  
ASN HXT  H N N 17  
GLN N    N N N 18  
GLN CA   C N S 19  
GLN C    C N N 20  
GLN O    O N N 21  
GLN CB   C N N 22  
GLN CG   C N N 23  
GLN CD   C N N 24  
GLN OE1  O N N 25  
GLN NE2  N N N 26  
GLN OXT  O N N 27  
GLN H    H N N 28  
GLN H2   H N N 29  
GLN HA   H N N 30  
GLN HB2  H N N 31  
GLN HB3  H N N 32  
GLN HG2  H N N 33  
GLN HG3  H N N 34  
GLN HE21 H N N 35  
GLN HE22 H N N 36  
GLN HXT  H N N 37  
GLU N    N N N 38  
GLU CA   C N S 39  
GLU C    C N N 40  
GLU O    O N N 41  
GLU CB   C N N 42  
GLU CG   C N N 43  
GLU CD   C N N 44  
GLU OE1  O N N 45  
GLU OE2  O N N 46  
GLU OXT  O N N 47  
GLU H    H N N 48  
GLU H2   H N N 49  
GLU HA   H N N 50  
GLU HB2  H N N 51  
GLU HB3  H N N 52  
GLU HG2  H N N 53  
GLU HG3  H N N 54  
GLU HE2  H N N 55  
GLU HXT  H N N 56  
HOH O    O N N 57  
HOH H1   H N N 58  
HOH H2   H N N 59  
PHE N    N N N 60  
PHE CA   C N S 61  
PHE C    C N N 62  
PHE O    O N N 63  
PHE CB   C N N 64  
PHE CG   C Y N 65  
PHE CD1  C Y N 66  
PHE CD2  C Y N 67  
PHE CE1  C Y N 68  
PHE CE2  C Y N 69  
PHE CZ   C Y N 70  
PHE OXT  O N N 71  
PHE H    H N N 72  
PHE H2   H N N 73  
PHE HA   H N N 74  
PHE HB2  H N N 75  
PHE HB3  H N N 76  
PHE HD1  H N N 77  
PHE HD2  H N N 78  
PHE HE1  H N N 79  
PHE HE2  H N N 80  
PHE HZ   H N N 81  
PHE HXT  H N N 82  
TYR N    N N N 83  
TYR CA   C N S 84  
TYR C    C N N 85  
TYR O    O N N 86  
TYR CB   C N N 87  
TYR CG   C Y N 88  
TYR CD1  C Y N 89  
TYR CD2  C Y N 90  
TYR CE1  C Y N 91  
TYR CE2  C Y N 92  
TYR CZ   C Y N 93  
TYR OH   O N N 94  
TYR OXT  O N N 95  
TYR H    H N N 96  
TYR H2   H N N 97  
TYR HA   H N N 98  
TYR HB2  H N N 99  
TYR HB3  H N N 100 
TYR HD1  H N N 101 
TYR HD2  H N N 102 
TYR HE1  H N N 103 
TYR HE2  H N N 104 
TYR HH   H N N 105 
TYR HXT  H N N 106 
VAL N    N N N 107 
VAL CA   C N S 108 
VAL C    C N N 109 
VAL O    O N N 110 
VAL CB   C N N 111 
VAL CG1  C N N 112 
VAL CG2  C N N 113 
VAL OXT  O N N 114 
VAL H    H N N 115 
VAL H2   H N N 116 
VAL HA   H N N 117 
VAL HB   H N N 118 
VAL HG11 H N N 119 
VAL HG12 H N N 120 
VAL HG13 H N N 121 
VAL HG21 H N N 122 
VAL HG22 H N N 123 
VAL HG23 H N N 124 
VAL HXT  H N N 125 
# 
loop_
_chem_comp_bond.comp_id 
_chem_comp_bond.atom_id_1 
_chem_comp_bond.atom_id_2 
_chem_comp_bond.value_order 
_chem_comp_bond.pdbx_aromatic_flag 
_chem_comp_bond.pdbx_stereo_config 
_chem_comp_bond.pdbx_ordinal 
ASN N   CA   sing N N 1   
ASN N   H    sing N N 2   
ASN N   H2   sing N N 3   
ASN CA  C    sing N N 4   
ASN CA  CB   sing N N 5   
ASN CA  HA   sing N N 6   
ASN C   O    doub N N 7   
ASN C   OXT  sing N N 8   
ASN CB  CG   sing N N 9   
ASN CB  HB2  sing N N 10  
ASN CB  HB3  sing N N 11  
ASN CG  OD1  doub N N 12  
ASN CG  ND2  sing N N 13  
ASN ND2 HD21 sing N N 14  
ASN ND2 HD22 sing N N 15  
ASN OXT HXT  sing N N 16  
GLN N   CA   sing N N 17  
GLN N   H    sing N N 18  
GLN N   H2   sing N N 19  
GLN CA  C    sing N N 20  
GLN CA  CB   sing N N 21  
GLN CA  HA   sing N N 22  
GLN C   O    doub N N 23  
GLN C   OXT  sing N N 24  
GLN CB  CG   sing N N 25  
GLN CB  HB2  sing N N 26  
GLN CB  HB3  sing N N 27  
GLN CG  CD   sing N N 28  
GLN CG  HG2  sing N N 29  
GLN CG  HG3  sing N N 30  
GLN CD  OE1  doub N N 31  
GLN CD  NE2  sing N N 32  
GLN NE2 HE21 sing N N 33  
GLN NE2 HE22 sing N N 34  
GLN OXT HXT  sing N N 35  
GLU N   CA   sing N N 36  
GLU N   H    sing N N 37  
GLU N   H2   sing N N 38  
GLU CA  C    sing N N 39  
GLU CA  CB   sing N N 40  
GLU CA  HA   sing N N 41  
GLU C   O    doub N N 42  
GLU C   OXT  sing N N 43  
GLU CB  CG   sing N N 44  
GLU CB  HB2  sing N N 45  
GLU CB  HB3  sing N N 46  
GLU CG  CD   sing N N 47  
GLU CG  HG2  sing N N 48  
GLU CG  HG3  sing N N 49  
GLU CD  OE1  doub N N 50  
GLU CD  OE2  sing N N 51  
GLU OE2 HE2  sing N N 52  
GLU OXT HXT  sing N N 53  
HOH O   H1   sing N N 54  
HOH O   H2   sing N N 55  
PHE N   CA   sing N N 56  
PHE N   H    sing N N 57  
PHE N   H2   sing N N 58  
PHE CA  C    sing N N 59  
PHE CA  CB   sing N N 60  
PHE CA  HA   sing N N 61  
PHE C   O    doub N N 62  
PHE C   OXT  sing N N 63  
PHE CB  CG   sing N N 64  
PHE CB  HB2  sing N N 65  
PHE CB  HB3  sing N N 66  
PHE CG  CD1  doub Y N 67  
PHE CG  CD2  sing Y N 68  
PHE CD1 CE1  sing Y N 69  
PHE CD1 HD1  sing N N 70  
PHE CD2 CE2  doub Y N 71  
PHE CD2 HD2  sing N N 72  
PHE CE1 CZ   doub Y N 73  
PHE CE1 HE1  sing N N 74  
PHE CE2 CZ   sing Y N 75  
PHE CE2 HE2  sing N N 76  
PHE CZ  HZ   sing N N 77  
PHE OXT HXT  sing N N 78  
TYR N   CA   sing N N 79  
TYR N   H    sing N N 80  
TYR N   H2   sing N N 81  
TYR CA  C    sing N N 82  
TYR CA  CB   sing N N 83  
TYR CA  HA   sing N N 84  
TYR C   O    doub N N 85  
TYR C   OXT  sing N N 86  
TYR CB  CG   sing N N 87  
TYR CB  HB2  sing N N 88  
TYR CB  HB3  sing N N 89  
TYR CG  CD1  doub Y N 90  
TYR CG  CD2  sing Y N 91  
TYR CD1 CE1  sing Y N 92  
TYR CD1 HD1  sing N N 93  
TYR CD2 CE2  doub Y N 94  
TYR CD2 HD2  sing N N 95  
TYR CE1 CZ   doub Y N 96  
TYR CE1 HE1  sing N N 97  
TYR CE2 CZ   sing Y N 98  
TYR CE2 HE2  sing N N 99  
TYR CZ  OH   sing N N 100 
TYR OH  HH   sing N N 101 
TYR OXT HXT  sing N N 102 
VAL N   CA   sing N N 103 
VAL N   H    sing N N 104 
VAL N   H2   sing N N 105 
VAL CA  C    sing N N 106 
VAL CA  CB   sing N N 107 
VAL CA  HA   sing N N 108 
VAL C   O    doub N N 109 
VAL C   OXT  sing N N 110 
VAL CB  CG1  sing N N 111 
VAL CB  CG2  sing N N 112 
VAL CB  HB   sing N N 113 
VAL CG1 HG11 sing N N 114 
VAL CG1 HG12 sing N N 115 
VAL CG1 HG13 sing N N 116 
VAL CG2 HG21 sing N N 117 
VAL CG2 HG22 sing N N 118 
VAL CG2 HG23 sing N N 119 
VAL OXT HXT  sing N N 120 
# 
_em_3d_crystal_entity.id                    1 
_em_3d_crystal_entity.image_processing_id   1 
_em_3d_crystal_entity.angle_alpha           94.850 
_em_3d_crystal_entity.angle_beta            90.260 
_em_3d_crystal_entity.angle_gamma           99.990 
_em_3d_crystal_entity.length_a              4.870 
_em_3d_crystal_entity.length_b              10.060 
_em_3d_crystal_entity.length_c              30.660 
_em_3d_crystal_entity.space_group_name      'P 1' 
_em_3d_crystal_entity.space_group_num       1 
# 
_em_diffraction.id                1 
_em_diffraction.camera_length     1 
_em_diffraction.imaging_id        1 
_em_diffraction.tilt_angle_list   ? 
# 
_em_entity_assembly_naturalsource.cell                 ? 
_em_entity_assembly_naturalsource.cellular_location    ? 
_em_entity_assembly_naturalsource.entity_assembly_id   1 
_em_entity_assembly_naturalsource.id                   1 
_em_entity_assembly_naturalsource.ncbi_tax_id          447135 
_em_entity_assembly_naturalsource.organ                ? 
_em_entity_assembly_naturalsource.organelle            ? 
_em_entity_assembly_naturalsource.organism             'Myodes glareolus' 
_em_entity_assembly_naturalsource.strain               ? 
_em_entity_assembly_naturalsource.tissue               ? 
# 
_em_image_processing.id                   1 
_em_image_processing.image_recording_id   1 
_em_image_processing.details              ? 
# 
_em_image_recording.id                            1 
_em_image_recording.imaging_id                    1 
_em_image_recording.avg_electron_dose_per_image   . 
_em_image_recording.average_exposure_time         . 
_em_image_recording.details                       ? 
_em_image_recording.detector_mode                 ? 
_em_image_recording.film_or_detector_model        'TVIPS TEMCAM-F416 (4k x 4k)' 
_em_image_recording.num_diffraction_images        . 
_em_image_recording.num_grids_imaged              1 
_em_image_recording.num_real_images               1 
# 
_em_specimen.id                      1 
_em_specimen.experiment_id           1 
_em_specimen.concentration           ? 
_em_specimen.details                 ? 
_em_specimen.embedding_applied       NO 
_em_specimen.shadowing_applied       NO 
_em_specimen.staining_applied        NO 
_em_specimen.vitrification_applied   NO 
# 
loop_
_pdbx_audit_support.funding_organization 
_pdbx_audit_support.country 
_pdbx_audit_support.grant_number 
_pdbx_audit_support.ordinal 
'National Institutes of Health/National Institute of General Medical Sciences (NIH/NIGMS)'        'United States' R35GM128867  1 
'National Institutes of Health/National Institute Of Allergy and Infectious Diseases (NIH/NIAID)' 'United States' 1F31AI143368 2 
# 
_atom_sites.entry_id                    7RVH 
_atom_sites.Cartn_transf_matrix[1][1]   ? 
_atom_sites.Cartn_transf_matrix[1][2]   ? 
_atom_sites.Cartn_transf_matrix[1][3]   ? 
_atom_sites.Cartn_transf_matrix[2][1]   ? 
_atom_sites.Cartn_transf_matrix[2][2]   ? 
_atom_sites.Cartn_transf_matrix[2][3]   ? 
_atom_sites.Cartn_transf_matrix[3][1]   ? 
_atom_sites.Cartn_transf_matrix[3][2]   ? 
_atom_sites.Cartn_transf_matrix[3][3]   ? 
_atom_sites.Cartn_transf_vector[1]      ? 
_atom_sites.Cartn_transf_vector[2]      ? 
_atom_sites.Cartn_transf_vector[3]      ? 
_atom_sites.fract_transf_matrix[1][1]   0.13850309 
_atom_sites.fract_transf_matrix[1][2]   0.15587214 
_atom_sites.fract_transf_matrix[1][3]   0.00305549 
_atom_sites.fract_transf_matrix[2][1]   -0.00095267 
_atom_sites.fract_transf_matrix[2][2]   0.02641067 
_atom_sites.fract_transf_matrix[2][3]   -0.09780658 
_atom_sites.fract_transf_matrix[3][1]   -0.02395252 
_atom_sites.fract_transf_matrix[3][2]   0.02207972 
_atom_sites.fract_transf_matrix[3][3]   0.00325654 
_atom_sites.fract_transf_vector[1]      0.633060 
_atom_sites.fract_transf_vector[2]      0.712149 
_atom_sites.fract_transf_vector[3]      0.376819 
_atom_sites.solution_primary            ? 
_atom_sites.solution_secondary          ? 
_atom_sites.solution_hydrogens          ? 
_atom_sites.special_details             ? 
# 
loop_
_atom_type.symbol 
C 
H 
N 
O 
# 
loop_
_atom_site.group_PDB 
_atom_site.id 
_atom_site.type_symbol 
_atom_site.label_atom_id 
_atom_site.label_alt_id 
_atom_site.label_comp_id 
_atom_site.label_asym_id 
_atom_site.label_entity_id 
_atom_site.label_seq_id 
_atom_site.pdbx_PDB_ins_code 
_atom_site.Cartn_x 
_atom_site.Cartn_y 
_atom_site.Cartn_z 
_atom_site.occupancy 
_atom_site.B_iso_or_equiv 
_atom_site.pdbx_formal_charge 
_atom_site.auth_seq_id 
_atom_site.auth_comp_id 
_atom_site.auth_asym_id 
_atom_site.auth_atom_id 
_atom_site.pdbx_PDB_model_num 
ATOM   1   N N    . GLN A 1 1 ? 9.515   -10.845 2.966  1.00 9.89  ?  168 GLN A N    1 
ATOM   2   C CA   . GLN A 1 1 ? 9.265   -9.600  2.209  1.00 4.68  ?  168 GLN A CA   1 
ATOM   3   C C    . GLN A 1 1 ? 7.818   -9.162  2.340  1.00 2.65  ?  168 GLN A C    1 
ATOM   4   O O    . GLN A 1 1 ? 6.925   -9.971  2.091  1.00 9.64  ?  168 GLN A O    1 
ATOM   5   C CB   . GLN A 1 1 ? 9.648   -9.810  0.746  1.00 4.76  ?  168 GLN A CB   1 
ATOM   6   C CG   . GLN A 1 1 ? 9.628   -8.544  -0.076 1.00 6.65  ?  168 GLN A CG   1 
ATOM   7   C CD   . GLN A 1 1 ? 9.775   -8.883  -1.531 1.00 5.61  ?  168 GLN A CD   1 
ATOM   8   O OE1  . GLN A 1 1 ? 8.889   -9.526  -2.104 1.00 9.37  ?  168 GLN A OE1  1 
ATOM   9   N NE2  . GLN A 1 1 ? 10.837  -8.394  -2.135 1.00 8.12  ?  168 GLN A NE2  1 
ATOM   10  H H1   . GLN A 1 1 ? 9.704   -11.525 2.392  1.00 7.78  ?  168 GLN A H1   1 
ATOM   11  H H2   . GLN A 1 1 ? 8.741   -11.077 3.485  1.00 7.78  ?  168 GLN A H2   1 
ATOM   12  H H3   . GLN A 1 1 ? 10.260  -10.712 3.555  1.00 7.80  ?  168 GLN A H3   1 
ATOM   13  H HA   . GLN A 1 1 ? 9.841   -8.898  2.584  1.00 4.86  ?  168 GLN A HA   1 
ATOM   14  H HB2  . GLN A 1 1 ? 10.547  -10.199 0.711  1.00 5.14  ?  168 GLN A HB2  1 
ATOM   15  H HB3  . GLN A 1 1 ? 9.027   -10.459 0.352  1.00 5.15  ?  168 GLN A HB3  1 
ATOM   16  H HG2  . GLN A 1 1 ? 8.781   -8.069  0.066  1.00 5.90  ?  168 GLN A HG2  1 
ATOM   17  H HG3  . GLN A 1 1 ? 10.363  -7.957  0.202  1.00 5.91  ?  168 GLN A HG3  1 
ATOM   18  H HE21 . GLN A 1 1 ? 10.752  -7.970  -2.906 1.00 7.25  ?  168 GLN A HE21 1 
ATOM   19  H HE22 . GLN A 1 1 ? 11.637  -8.489  -1.769 1.00 7.25  ?  168 GLN A HE22 1 
ATOM   20  N N    . TYR A 1 2 ? 7.562   -7.912  2.716  1.00 2.40  ?  169 TYR A N    1 
ATOM   21  C CA   . TYR A 1 2 ? 6.243   -7.304  2.899  1.00 1.27  ?  169 TYR A CA   1 
ATOM   22  C C    . TYR A 1 2 ? 6.047   -6.202  1.853  1.00 1.38  ?  169 TYR A C    1 
ATOM   23  O O    . TYR A 1 2 ? 6.856   -5.271  1.799  1.00 4.22  ?  169 TYR A O    1 
ATOM   24  C CB   . TYR A 1 2 ? 6.171   -6.723  4.329  1.00 1.17  ?  169 TYR A CB   1 
ATOM   25  C CG   . TYR A 1 2 ? 4.848   -6.116  4.693  1.00 1.02  ?  169 TYR A CG   1 
ATOM   26  C CD1  . TYR A 1 2 ? 4.562   -4.797  4.376  1.00 1.15  ?  169 TYR A CD1  1 
ATOM   27  C CD2  . TYR A 1 2 ? 3.937   -6.834  5.495  1.00 1.09  ?  169 TYR A CD2  1 
ATOM   28  C CE1  . TYR A 1 2 ? 3.371   -4.196  4.752  1.00 1.58  ?  169 TYR A CE1  1 
ATOM   29  C CE2  . TYR A 1 2 ? 2.754   -6.235  5.893  1.00 1.27  ?  169 TYR A CE2  1 
ATOM   30  C CZ   . TYR A 1 2 ? 2.483   -4.916  5.556  1.00 1.80  ?  169 TYR A CZ   1 
ATOM   31  O OH   . TYR A 1 2 ? 1.347   -4.285  5.944  1.00 4.30  ?  169 TYR A OH   1 
ATOM   32  H H    . TYR A 1 2 ? 8.362   -7.322  2.892  1.00 2.12  ?  169 TYR A H    1 
ATOM   33  H HA   . TYR A 1 2 ? 5.540   -7.993  2.786  1.00 1.45  ?  169 TYR A HA   1 
ATOM   34  H HB2  . TYR A 1 2 ? 6.374   -7.442  4.963  1.00 1.16  ?  169 TYR A HB2  1 
ATOM   35  H HB3  . TYR A 1 2 ? 6.868   -6.041  4.419  1.00 1.16  ?  169 TYR A HB3  1 
ATOM   36  H HD1  . TYR A 1 2 ? 5.179   -4.306  3.858  1.00 1.23  ?  169 TYR A HD1  1 
ATOM   37  H HD2  . TYR A 1 2 ? 4.128   -7.721  5.753  1.00 1.15  ?  169 TYR A HD2  1 
ATOM   38  H HE1  . TYR A 1 2 ? 3.194   -3.297  4.529  1.00 1.50  ?  169 TYR A HE1  1 
ATOM   39  H HE2  . TYR A 1 2 ? 2.141   -6.714  6.426  1.00 1.35  ?  169 TYR A HE2  1 
ATOM   40  H HH   . TYR A 1 2 ? 0.672   -4.805  5.844  1.00 3.25  ?  169 TYR A HH   1 
ATOM   41  N N    . ASN A 1 3 ? 5.009   -6.337  1.011  1.00 1.71  ?  170 ASN A N    1 
ATOM   42  C CA   . ASN A 1 3 ? 4.755   -5.420  -0.093 1.00 1.32  ?  170 ASN A CA   1 
ATOM   43  C C    . ASN A 1 3 ? 3.323   -4.904  -0.003 1.00 1.24  ?  170 ASN A C    1 
ATOM   44  O O    . ASN A 1 3 ? 2.371   -5.699  0.012  1.00 4.20  ?  170 ASN A O    1 
ATOM   45  C CB   . ASN A 1 3 ? 4.921   -6.100  -1.455 1.00 1.67  ?  170 ASN A CB   1 
ATOM   46  C CG   . ASN A 1 3 ? 6.271   -6.735  -1.624 1.00 2.21  ?  170 ASN A CG   1 
ATOM   47  O OD1  . ASN A 1 3 ? 7.279   -6.037  -1.665 1.00 7.76  ?  170 ASN A OD1  1 
ATOM   48  N ND2  . ASN A 1 3 ? 6.313   -8.044  -1.744 1.00 5.85  ?  170 ASN A ND2  1 
ATOM   49  H H    . ASN A 1 3 ? 4.372   -7.109  1.147  1.00 1.53  ?  170 ASN A H    1 
ATOM   50  H HA   . ASN A 1 3 ? 5.383   -4.664  -0.041 1.00 1.44  ?  170 ASN A HA   1 
ATOM   51  H HB2  . ASN A 1 3 ? 4.230   -6.785  -1.556 1.00 1.70  ?  170 ASN A HB2  1 
ATOM   52  H HB3  . ASN A 1 3 ? 4.793   -5.432  -2.161 1.00 1.69  ?  170 ASN A HB3  1 
ATOM   53  H HD21 . ASN A 1 3 ? 6.821   -8.415  -2.365 1.00 4.28  ?  170 ASN A HD21 1 
ATOM   54  H HD22 . ASN A 1 3 ? 5.831   -8.553  -1.206 1.00 4.28  ?  170 ASN A HD22 1 
ATOM   55  N N    . ASN A 1 4 ? 3.148   -3.585  0.036  1.00 1.69  ?  171 ASN A N    1 
ATOM   56  C CA   . ASN A 1 4 ? 1.825   -3.014  0.229  1.00 0.87  ?  171 ASN A CA   1 
ATOM   57  C C    . ASN A 1 4 ? 1.718   -1.680  -0.518 1.00 1.12  ?  171 ASN A C    1 
ATOM   58  O O    . ASN A 1 4 ? 2.734   -1.112  -0.984 1.00 3.79  ?  171 ASN A O    1 
ATOM   59  C CB   . ASN A 1 4 ? 1.495   -2.868  1.711  1.00 1.13  ?  171 ASN A CB   1 
ATOM   60  C CG   . ASN A 1 4 ? 0.058   -3.211  2.034  1.00 1.55  ?  171 ASN A CG   1 
ATOM   61  O OD1  . ASN A 1 4 ? -0.827  -2.995  1.215  1.00 3.69  ?  171 ASN A OD1  1 
ATOM   62  N ND2  . ASN A 1 4 ? -0.191  -3.690  3.253  1.00 2.58  ?  171 ASN A ND2  1 
ATOM   63  H H    . ASN A 1 4 ? 3.940   -2.967  -0.068 1.00 1.34  ?  171 ASN A H    1 
ATOM   64  H HA   . ASN A 1 4 ? 1.167   -3.635  -0.162 1.00 1.10  ?  171 ASN A HA   1 
ATOM   65  H HB2  . ASN A 1 4 ? 2.086   -3.454  2.227  1.00 1.13  ?  171 ASN A HB2  1 
ATOM   66  H HB3  . ASN A 1 4 ? 1.671   -1.945  1.985  1.00 1.06  ?  171 ASN A HB3  1 
ATOM   67  H HD21 . ASN A 1 4 ? -0.850  -4.266  3.375  1.00 2.20  ?  171 ASN A HD21 1 
ATOM   68  H HD22 . ASN A 1 4 ? 0.303   -3.431  3.938  1.00 2.20  ?  171 ASN A HD22 1 
ATOM   69  N N    . GLU A 1 5 ? 0.493   -1.132  -0.597 1.00 1.48  ?  172 GLU A N    1 
ATOM   70  C CA   . GLU A 1 5 ? 0.230   0.210   -1.108 1.00 0.84  ?  172 GLU A CA   1 
ATOM   71  C C    . GLU A 1 5 ? -1.115  0.656   -0.533 1.00 0.86  ?  172 GLU A C    1 
ATOM   72  O O    . GLU A 1 5 ? -2.016  -0.167  -0.333 1.00 3.11  ?  172 GLU A O    1 
ATOM   73  C CB   . GLU A 1 5 ? 0.177   0.254   -2.639 1.00 0.98  ?  172 GLU A CB   1 
ATOM   74  C CG   . GLU A 1 5 ? -0.953  -0.526  -3.269 1.00 1.20  ?  172 GLU A CG   1 
ATOM   75  C CD   . GLU A 1 5 ? -1.233  -0.193  -4.744 1.00 1.69  ?  172 GLU A CD   1 
ATOM   76  O OE1  . GLU A 1 5 ? -0.275  0.070   -5.533 0.50 1.33  ?  172 GLU A OE1  1 
ATOM   77  O OE2  . GLU A 1 5 ? -2.434  -0.051  -5.075 1.00 4.35  ?  172 GLU A OE2  1 
ATOM   78  H H    . GLU A 1 5 ? -0.295  -1.686  -0.292 1.00 1.21  ?  172 GLU A H    1 
ATOM   79  H HA   . GLU A 1 5 ? 0.937   0.817   -0.789 1.00 0.98  ?  172 GLU A HA   1 
ATOM   80  H HB2  . GLU A 1 5 ? 0.103   1.190   -2.917 1.00 0.95  ?  172 GLU A HB2  1 
ATOM   81  H HB3  . GLU A 1 5 ? 1.026   -0.093  -2.985 1.00 0.99  ?  172 GLU A HB3  1 
ATOM   82  H HG2  . GLU A 1 5 ? -0.752  -1.484  -3.202 1.00 1.25  ?  172 GLU A HG2  1 
ATOM   83  H HG3  . GLU A 1 5 ? -1.775  -0.365  -2.761 1.00 1.25  ?  172 GLU A HG3  1 
ATOM   84  N N    . ASN A 1 6 ? -1.218  1.976   -0.293 1.00 1.92  ?  173 ASN A N    1 
ATOM   85  C CA   . ASN A 1 6 ? -2.418  2.531   0.312  1.00 1.22  ?  173 ASN A CA   1 
ATOM   86  C C    . ASN A 1 6 ? -2.664  3.898   -0.326 1.00 1.36  ?  173 ASN A C    1 
ATOM   87  O O    . ASN A 1 6 ? -1.846  4.809   -0.171 1.00 4.71  ?  173 ASN A O    1 
ATOM   88  C CB   . ASN A 1 6 ? -2.213  2.688   1.829  1.00 2.25  ?  173 ASN A CB   1 
ATOM   89  C CG   . ASN A 1 6 ? -1.647  1.436   2.445  1.00 1.93  ?  173 ASN A CG   1 
ATOM   90  O OD1  . ASN A 1 6 ? -2.404  0.502   2.802  1.00 5.38  ?  173 ASN A OD1  1 
ATOM   91  N ND2  . ASN A 1 6 ? -0.335  1.380   2.588  1.00 3.27  ?  173 ASN A ND2  1 
ATOM   92  H H    . ASN A 1 6 ? -0.457  2.595   -0.535 1.00 1.42  ?  173 ASN A H    1 
ATOM   93  H HA   . ASN A 1 6 ? -3.184  1.936   0.150  1.00 1.53  ?  173 ASN A HA   1 
ATOM   94  H HB2  . ASN A 1 6 ? -1.602  3.435   1.996  1.00 1.88  ?  173 ASN A HB2  1 
ATOM   95  H HB3  . ASN A 1 6 ? -3.072  2.894   2.249  1.00 1.89  ?  173 ASN A HB3  1 
ATOM   96  H HD21 . ASN A 1 6 ? 0.017   0.968   3.285  1.00 2.77  ?  173 ASN A HD21 1 
ATOM   97  H HD22 . ASN A 1 6 ? 0.191   1.757   1.987  1.00 2.77  ?  173 ASN A HD22 1 
ATOM   98  N N    . ASN A 1 7 ? -3.759  4.013   -1.058 1.00 2.17  ?  174 ASN A N    1 
ATOM   99  C CA   . ASN A 1 7 ? -4.142  5.259   -1.709 1.00 1.51  ?  174 ASN A CA   1 
ATOM   100 C C    . ASN A 1 7 ? -5.529  5.677   -1.226 1.00 1.51  ?  174 ASN A C    1 
ATOM   101 O O    . ASN A 1 7 ? -6.456  4.857   -1.271 1.00 4.36  ?  174 ASN A O    1 
ATOM   102 C CB   . ASN A 1 7 ? -4.186  5.130   -3.227 1.00 1.91  ?  174 ASN A CB   1 
ATOM   103 C CG   . ASN A 1 7 ? -2.822  4.871   -3.800 1.00 2.47  ?  174 ASN A CG   1 
ATOM   104 O OD1  . ASN A 1 7 ? -1.919  5.700   -3.658 1.00 6.15  ?  174 ASN A OD1  1 
ATOM   105 N ND2  . ASN A 1 7 ? -2.644  3.745   -4.461 1.00 5.78  ?  174 ASN A ND2  1 
ATOM   106 H H    . ASN A 1 7 ? -4.356  3.207   -1.175 1.00 1.79  ?  174 ASN A H    1 
ATOM   107 H HA   . ASN A 1 7 ? -3.490  5.960   -1.476 1.00 1.71  ?  174 ASN A HA   1 
ATOM   108 H HB2  . ASN A 1 7 ? -4.785  4.395   -3.468 1.00 1.93  ?  174 ASN A HB2  1 
ATOM   109 H HB3  . ASN A 1 7 ? -4.545  5.956   -3.609 1.00 1.92  ?  174 ASN A HB3  1 
ATOM   110 H HD21 . ASN A 1 7 ? -1.930  3.248   -4.304 1.00 4.42  ?  174 ASN A HD21 1 
ATOM   111 H HD22 . ASN A 1 7 ? -3.239  3.485   -5.062 1.00 4.41  ?  174 ASN A HD22 1 
ATOM   112 N N    . PHE A 1 8 ? -5.664  6.938   -0.781 1.00 3.34  ?  175 PHE A N    1 
ATOM   113 C CA   . PHE A 1 8 ? -6.887  7.506   -0.237 1.00 2.75  ?  175 PHE A CA   1 
ATOM   114 C C    . PHE A 1 8 ? -7.249  8.764   -1.023 1.00 3.52  ?  175 PHE A C    1 
ATOM   115 O O    . PHE A 1 8 ? -6.505  9.740   -1.004 1.00 8.12  ?  175 PHE A O    1 
ATOM   116 C CB   . PHE A 1 8 ? -6.715  7.795   1.258  1.00 4.66  ?  175 PHE A CB   1 
ATOM   117 C CG   . PHE A 1 8 ? -6.225  6.638   2.091  1.00 4.81  ?  175 PHE A CG   1 
ATOM   118 C CD1  . PHE A 1 8 ? -4.871  6.352   2.189  1.00 5.37  ?  175 PHE A CD1  1 
ATOM   119 C CD2  . PHE A 1 8 ? -7.096  5.835   2.808  1.00 7.73  ?  175 PHE A CD2  1 
ATOM   120 C CE1  . PHE A 1 8 ? -4.389  5.310   2.954  1.00 7.47  ?  175 PHE A CE1  1 
ATOM   121 C CE2  . PHE A 1 8 ? -6.613  4.793   3.586  1.00 6.83  ?  175 PHE A CE2  1 
ATOM   122 C CZ   . PHE A 1 8 ? -5.266  4.517   3.642  1.00 6.46  ?  175 PHE A CZ   1 
ATOM   123 H H    . PHE A 1 8 ? -4.854  7.539   -0.827 1.00 2.63  ?  175 PHE A H    1 
ATOM   124 H HA   . PHE A 1 8 ? -7.618  6.847   -0.346 1.00 3.31  ?  175 PHE A HA   1 
ATOM   125 H HB2  . PHE A 1 8 ? -6.085  8.539   1.355  1.00 4.14  ?  175 PHE A HB2  1 
ATOM   126 H HB3  . PHE A 1 8 ? -7.579  8.091   1.612  1.00 4.14  ?  175 PHE A HB3  1 
ATOM   127 H HD1  . PHE A 1 8 ? -4.259  6.888   1.709  1.00 5.72  ?  175 PHE A HD1  1 
ATOM   128 H HD2  . PHE A 1 8 ? -8.023  6.006   2.774  1.00 6.66  ?  175 PHE A HD2  1 
ATOM   129 H HE1  . PHE A 1 8 ? -3.462  5.136   2.989  1.00 6.61  ?  175 PHE A HE1  1 
ATOM   130 H HE2  . PHE A 1 8 ? -7.221  4.247   4.060  1.00 6.85  ?  175 PHE A HE2  1 
ATOM   131 H HZ   . PHE A 1 8 ? -4.948  3.805   4.174  1.00 6.70  ?  175 PHE A HZ   1 
ATOM   132 N N    . VAL A 1 9 ? -8.365  8.701   -1.745 1.00 5.68  ?  176 VAL A N    1 
ATOM   133 C CA   . VAL A 1 9 ? -8.872  9.831   -2.502 1.00 7.39  ?  176 VAL A CA   1 
ATOM   134 C C    . VAL A 1 9 ? -10.301 10.122  -2.030 1.00 18.40 ?  176 VAL A C    1 
ATOM   135 O O    . VAL A 1 9 ? -11.097 9.218   -1.757 1.00 34.91 ?  176 VAL A O    1 
ATOM   136 C CB   . VAL A 1 9 ? -8.815  9.600   -4.019 1.00 10.48 ?  176 VAL A CB   1 
ATOM   137 C CG1  . VAL A 1 9 ? -9.138  10.884  -4.759 1.00 13.38 ?  176 VAL A CG1  1 
ATOM   138 C CG2  . VAL A 1 9 ? -7.472  9.023   -4.432 1.00 10.21 ?  176 VAL A CG2  1 
ATOM   139 O OXT  . VAL A 1 9 ? -10.683 11.283  -1.902 1.00 33.35 -1 176 VAL A OXT  1 
ATOM   140 H H    . VAL A 1 9 ? -8.882  7.834   -1.772 1.00 5.37  ?  176 VAL A H    1 
ATOM   141 H HA   . VAL A 1 9 ? -8.324  10.606  -2.295 1.00 9.00  ?  176 VAL A HA   1 
ATOM   142 H HB   . VAL A 1 9 ? -9.513  8.936   -4.246 1.00 10.23 ?  176 VAL A HB   1 
ATOM   143 H HG11 . VAL A 1 9 ? -10.090 11.069  -4.688 1.00 12.41 ?  176 VAL A HG11 1 
ATOM   144 H HG12 . VAL A 1 9 ? -8.897  10.788  -5.697 1.00 12.39 ?  176 VAL A HG12 1 
ATOM   145 H HG13 . VAL A 1 9 ? -8.634  11.619  -4.371 1.00 12.39 ?  176 VAL A HG13 1 
ATOM   146 H HG21 . VAL A 1 9 ? -6.759  9.501   -3.974 1.00 10.29 ?  176 VAL A HG21 1 
ATOM   147 H HG22 . VAL A 1 9 ? -7.358  9.117   -5.394 1.00 10.30 ?  176 VAL A HG22 1 
ATOM   148 H HG23 . VAL A 1 9 ? -7.436  8.081   -4.193 1.00 10.28 ?  176 VAL A HG23 1 
HETATM 149 O O    . HOH B 2 . ? 8.136   -8.792  -4.572 1.00 14.68 ?  201 HOH A O    1 
HETATM 150 O O    . HOH B 2 . ? 8.710   -6.057  -4.014 1.00 10.60 ?  202 HOH A O    1 
# 
